data_8OHH
#
_entry.id   8OHH
#
_cell.length_a   118.800
_cell.length_b   39.030
_cell.length_c   68.070
_cell.angle_alpha   90.000
_cell.angle_beta   95.630
_cell.angle_gamma   90.000
#
_symmetry.space_group_name_H-M   'C 1 2 1'
#
loop_
_entity.id
_entity.type
_entity.pdbx_description
1 polymer 'Cyclic di-AMP synthase CdaA'
2 non-polymer "N-phenyl-N'-propan-2-ylurea"
3 non-polymer 'MAGNESIUM ION'
4 water water
#
_entity_poly.entity_id   1
_entity_poly.type   'polypeptide(L)'
_entity_poly.pdbx_seq_one_letter_code
;GPTPVEEAQQKTIEAITKAINYMAKRRIGALLTIERDTGMGDYIETGIPLNAKVSSELLINIFIPNTPLHDGAVIMKNNE
IAAAACYLPLSESPFISKELGTRHRAAVGISEVTDSLTIIVSEETGGVSVAKNGDLHRELTEEALKEMLEAEFK
;
_entity_poly.pdbx_strand_id   A,B
#
loop_
_chem_comp.id
_chem_comp.type
_chem_comp.name
_chem_comp.formula
MG non-polymer 'MAGNESIUM ION' 'Mg 2'
XY4 non-polymer N-phenyl-N'-propan-2-ylurea 'C10 H14 N2 O'
#
# COMPACT_ATOMS: atom_id res chain seq x y z
N THR A 3 -22.66 -1.55 17.51
CA THR A 3 -23.25 -1.71 16.19
C THR A 3 -22.15 -1.91 15.14
N PRO A 4 -22.54 -2.43 13.96
CA PRO A 4 -21.54 -2.54 12.87
C PRO A 4 -20.73 -1.27 12.63
N VAL A 5 -21.39 -0.11 12.55
CA VAL A 5 -20.67 1.13 12.29
C VAL A 5 -19.69 1.44 13.42
N GLU A 6 -20.11 1.21 14.67
CA GLU A 6 -19.23 1.47 15.80
C GLU A 6 -18.03 0.53 15.81
N GLU A 7 -18.27 -0.78 15.59
CA GLU A 7 -17.16 -1.71 15.53
C GLU A 7 -16.19 -1.33 14.43
N ALA A 8 -16.72 -0.83 13.30
CA ALA A 8 -15.85 -0.46 12.19
C ALA A 8 -15.01 0.76 12.51
N GLN A 9 -15.60 1.76 13.17
CA GLN A 9 -14.84 2.93 13.57
C GLN A 9 -13.75 2.56 14.56
N GLN A 10 -14.06 1.68 15.51
CA GLN A 10 -13.03 1.28 16.48
C GLN A 10 -11.91 0.49 15.81
N LYS A 11 -12.25 -0.37 14.86
CA LYS A 11 -11.22 -1.11 14.13
C LYS A 11 -10.28 -0.15 13.40
N THR A 12 -10.83 0.89 12.78
CA THR A 12 -10.01 1.86 12.07
C THR A 12 -9.13 2.66 13.03
N ILE A 13 -9.68 3.06 14.18
CA ILE A 13 -8.87 3.75 15.17
C ILE A 13 -7.72 2.88 15.62
N GLU A 14 -7.98 1.58 15.85
CA GLU A 14 -6.91 0.68 16.27
C GLU A 14 -5.86 0.52 15.18
N ALA A 15 -6.30 0.44 13.92
CA ALA A 15 -5.34 0.32 12.82
C ALA A 15 -4.46 1.55 12.74
N ILE A 16 -5.06 2.73 12.86
CA ILE A 16 -4.29 3.97 12.84
C ILE A 16 -3.29 4.01 13.99
N THR A 17 -3.75 3.77 15.22
CA THR A 17 -2.84 3.94 16.34
C THR A 17 -1.68 2.94 16.27
N LYS A 18 -1.94 1.72 15.82
CA LYS A 18 -0.87 0.74 15.67
C LYS A 18 0.15 1.20 14.63
N ALA A 19 -0.31 1.71 13.49
CA ALA A 19 0.62 2.20 12.48
C ALA A 19 1.41 3.40 13.00
N ILE A 20 0.73 4.33 13.66
CA ILE A 20 1.41 5.49 14.22
C ILE A 20 2.45 5.08 15.25
N ASN A 21 2.13 4.12 16.13
N ASN A 21 2.12 4.12 16.12
CA ASN A 21 3.10 3.64 17.11
CA ASN A 21 3.10 3.64 17.12
C ASN A 21 4.35 3.09 16.42
C ASN A 21 4.35 3.11 16.42
N TYR A 22 4.15 2.30 15.37
CA TYR A 22 5.26 1.70 14.63
C TYR A 22 6.16 2.78 14.05
N MET A 23 5.55 3.81 13.45
CA MET A 23 6.34 4.85 12.79
C MET A 23 7.00 5.77 13.81
N ALA A 24 6.34 6.04 14.93
CA ALA A 24 6.95 6.86 15.97
C ALA A 24 8.21 6.20 16.50
N LYS A 25 8.16 4.88 16.71
CA LYS A 25 9.31 4.14 17.24
C LYS A 25 10.50 4.22 16.29
N ARG A 26 10.24 4.22 14.99
CA ARG A 26 11.29 4.21 13.98
C ARG A 26 11.57 5.57 13.39
N ARG A 27 10.90 6.60 13.90
CA ARG A 27 11.06 7.97 13.42
C ARG A 27 10.88 8.04 11.90
N ILE A 28 9.81 7.39 11.44
CA ILE A 28 9.36 7.45 10.05
C ILE A 28 8.39 8.62 9.94
N GLY A 29 8.74 9.60 9.12
CA GLY A 29 7.83 10.73 8.92
C GLY A 29 6.53 10.27 8.28
N ALA A 30 5.41 10.81 8.75
CA ALA A 30 4.11 10.44 8.22
C ALA A 30 3.14 11.61 8.33
N LEU A 31 2.18 11.62 7.42
CA LEU A 31 1.17 12.66 7.34
C LEU A 31 -0.12 11.98 6.92
N LEU A 32 -1.12 11.97 7.80
CA LEU A 32 -2.36 11.23 7.61
C LEU A 32 -3.53 12.12 7.95
N THR A 33 -4.29 12.52 6.95
CA THR A 33 -5.43 13.42 7.12
C THR A 33 -6.73 12.64 7.02
N ILE A 34 -7.62 12.85 7.98
CA ILE A 34 -8.92 12.20 8.00
C ILE A 34 -9.97 13.23 7.61
N GLU A 35 -10.58 13.03 6.45
CA GLU A 35 -11.62 13.94 6.00
C GLU A 35 -12.82 13.85 6.93
N ARG A 36 -13.44 15.00 7.18
CA ARG A 36 -14.64 15.06 8.05
C ARG A 36 -15.77 15.67 7.23
N ASP A 37 -16.39 16.75 7.72
CA ASP A 37 -17.54 17.32 7.02
C ASP A 37 -17.12 18.12 5.80
N THR A 38 -15.97 18.78 5.86
CA THR A 38 -15.51 19.54 4.71
C THR A 38 -14.93 18.58 3.68
N GLY A 39 -15.49 18.59 2.47
CA GLY A 39 -14.98 17.71 1.44
C GLY A 39 -13.58 18.09 1.02
N MET A 40 -12.75 17.06 0.78
CA MET A 40 -11.38 17.28 0.35
C MET A 40 -11.06 16.60 -0.98
N GLY A 41 -12.08 16.47 -1.82
CA GLY A 41 -11.87 15.84 -3.11
C GLY A 41 -10.74 16.49 -3.90
N ASP A 42 -10.61 17.81 -3.82
CA ASP A 42 -9.60 18.49 -4.62
C ASP A 42 -8.19 18.12 -4.20
N TYR A 43 -7.98 17.83 -2.92
CA TYR A 43 -6.67 17.36 -2.48
C TYR A 43 -6.49 15.88 -2.74
N ILE A 44 -7.55 15.09 -2.57
CA ILE A 44 -7.45 13.66 -2.85
C ILE A 44 -7.01 13.44 -4.28
N GLU A 45 -7.50 14.27 -5.20
CA GLU A 45 -7.21 14.10 -6.61
C GLU A 45 -5.76 14.38 -6.96
N THR A 46 -5.00 15.04 -6.07
CA THR A 46 -3.60 15.30 -6.35
C THR A 46 -2.71 14.09 -6.08
N GLY A 47 -3.24 13.06 -5.40
CA GLY A 47 -2.45 11.91 -5.03
C GLY A 47 -2.64 10.72 -5.94
N ILE A 48 -2.13 9.58 -5.46
CA ILE A 48 -2.28 8.30 -6.14
C ILE A 48 -3.56 7.65 -5.61
N PRO A 49 -4.55 7.36 -6.46
CA PRO A 49 -5.77 6.73 -5.95
C PRO A 49 -5.51 5.34 -5.38
N LEU A 50 -6.10 5.07 -4.22
CA LEU A 50 -6.08 3.75 -3.60
C LEU A 50 -7.48 3.21 -3.36
N ASN A 51 -8.35 3.99 -2.72
CA ASN A 51 -9.67 3.53 -2.28
C ASN A 51 -9.55 2.16 -1.61
N ALA A 52 -8.65 2.08 -0.64
CA ALA A 52 -8.26 0.81 -0.04
C ALA A 52 -8.83 0.64 1.36
N LYS A 53 -9.03 -0.60 1.75
CA LYS A 53 -9.40 -0.89 3.14
C LYS A 53 -8.26 -0.43 4.05
N VAL A 54 -8.62 0.10 5.22
CA VAL A 54 -7.61 0.48 6.19
C VAL A 54 -7.04 -0.77 6.84
N SER A 55 -5.72 -0.79 7.02
CA SER A 55 -5.06 -1.74 7.89
C SER A 55 -3.82 -1.05 8.43
N SER A 56 -3.37 -1.45 9.60
CA SER A 56 -2.09 -0.94 10.09
C SER A 56 -0.97 -1.29 9.11
N GLU A 57 -1.04 -2.48 8.52
CA GLU A 57 0.01 -2.92 7.62
C GLU A 57 0.10 -2.03 6.39
N LEU A 58 -1.03 -1.72 5.77
CA LEU A 58 -0.97 -0.87 4.58
C LEU A 58 -0.49 0.52 4.93
N LEU A 59 -0.95 1.08 6.04
CA LEU A 59 -0.47 2.41 6.42
C LEU A 59 1.04 2.43 6.58
N ILE A 60 1.60 1.41 7.25
CA ILE A 60 3.04 1.34 7.43
C ILE A 60 3.75 1.23 6.08
N ASN A 61 3.26 0.34 5.20
CA ASN A 61 3.93 0.14 3.92
C ASN A 61 3.88 1.40 3.06
N ILE A 62 2.83 2.21 3.21
CA ILE A 62 2.75 3.45 2.45
C ILE A 62 3.88 4.41 2.83
N PHE A 63 4.17 4.55 4.12
CA PHE A 63 5.07 5.59 4.60
C PHE A 63 6.53 5.17 4.68
N ILE A 64 6.90 4.03 4.13
CA ILE A 64 8.30 3.64 4.28
C ILE A 64 9.18 4.64 3.52
N PRO A 65 10.29 5.10 4.11
CA PRO A 65 11.07 6.16 3.46
C PRO A 65 11.62 5.70 2.12
N ASN A 66 11.74 6.67 1.20
CA ASN A 66 12.31 6.44 -0.12
C ASN A 66 11.54 5.41 -0.95
N THR A 67 10.22 5.45 -0.85
CA THR A 67 9.34 4.61 -1.66
C THR A 67 8.46 5.53 -2.49
N PRO A 68 7.79 5.01 -3.52
CA PRO A 68 6.89 5.89 -4.30
C PRO A 68 5.88 6.67 -3.46
N LEU A 69 5.26 6.05 -2.46
CA LEU A 69 4.06 6.60 -1.87
C LEU A 69 4.29 7.44 -0.62
N HIS A 70 5.53 7.53 -0.13
CA HIS A 70 5.74 8.14 1.17
C HIS A 70 5.74 9.67 1.12
N ASP A 71 5.81 10.28 -0.07
CA ASP A 71 6.00 11.73 -0.20
C ASP A 71 4.65 12.44 -0.35
N GLY A 72 4.10 12.89 0.75
CA GLY A 72 2.81 13.55 0.73
C GLY A 72 1.91 12.94 1.75
N ALA A 73 0.65 13.33 1.73
CA ALA A 73 -0.30 12.91 2.74
C ALA A 73 -1.13 11.74 2.28
N VAL A 74 -1.43 10.84 3.19
CA VAL A 74 -2.54 9.93 3.04
C VAL A 74 -3.80 10.68 3.44
N ILE A 75 -4.87 10.54 2.66
CA ILE A 75 -6.17 11.09 3.01
C ILE A 75 -7.16 9.94 3.12
N MET A 76 -7.82 9.86 4.27
CA MET A 76 -8.81 8.84 4.56
C MET A 76 -10.18 9.49 4.43
N LYS A 77 -11.15 8.73 3.92
CA LYS A 77 -12.50 9.22 3.68
C LYS A 77 -13.39 8.00 3.74
N ASN A 78 -14.53 8.12 4.44
CA ASN A 78 -15.51 7.03 4.57
C ASN A 78 -14.87 5.70 4.94
N ASN A 79 -13.95 5.73 5.90
CA ASN A 79 -13.36 4.53 6.48
C ASN A 79 -12.44 3.79 5.53
N GLU A 80 -11.94 4.48 4.51
CA GLU A 80 -11.01 3.89 3.56
C GLU A 80 -9.87 4.85 3.35
N ILE A 81 -8.76 4.34 2.84
CA ILE A 81 -7.64 5.16 2.41
C ILE A 81 -7.95 5.61 0.98
N ALA A 82 -8.33 6.87 0.81
CA ALA A 82 -8.74 7.31 -0.52
C ALA A 82 -7.55 7.44 -1.46
N ALA A 83 -6.47 8.06 -1.00
CA ALA A 83 -5.31 8.30 -1.84
C ALA A 83 -4.08 8.53 -0.96
N ALA A 84 -2.91 8.37 -1.57
CA ALA A 84 -1.64 8.62 -0.90
C ALA A 84 -0.82 9.60 -1.72
N ALA A 85 0.23 10.13 -1.10
CA ALA A 85 1.11 11.08 -1.76
C ALA A 85 0.34 12.31 -2.23
N CYS A 86 -0.61 12.77 -1.41
CA CYS A 86 -1.41 13.93 -1.75
C CYS A 86 -0.75 15.22 -1.31
N TYR A 87 -1.04 16.28 -2.08
CA TYR A 87 -0.66 17.63 -1.72
C TYR A 87 -1.58 18.17 -0.64
N LEU A 88 -0.99 18.84 0.34
CA LEU A 88 -1.74 19.64 1.29
C LEU A 88 -1.12 21.04 1.31
N PRO A 89 -1.92 22.07 1.54
CA PRO A 89 -1.39 23.43 1.48
C PRO A 89 -0.57 23.75 2.72
N LEU A 90 0.53 24.46 2.52
CA LEU A 90 1.42 24.82 3.62
C LEU A 90 0.89 26.02 4.37
N SER A 91 0.79 25.88 5.69
CA SER A 91 0.44 27.02 6.54
C SER A 91 1.51 28.11 6.48
N GLU A 92 1.04 29.36 6.52
CA GLU A 92 1.87 30.53 6.75
C GLU A 92 1.77 31.04 8.18
N SER A 93 1.21 30.24 9.07
CA SER A 93 1.03 30.70 10.44
C SER A 93 2.39 30.98 11.07
N PRO A 94 2.58 32.14 11.70
CA PRO A 94 3.84 32.39 12.43
C PRO A 94 3.90 31.71 13.80
N PHE A 95 2.90 30.92 14.16
CA PHE A 95 2.76 30.40 15.52
C PHE A 95 2.98 28.90 15.61
N ILE A 96 3.62 28.33 14.63
CA ILE A 96 4.06 26.95 14.66
C ILE A 96 5.48 26.93 15.20
N SER A 97 5.78 25.95 16.05
CA SER A 97 7.13 25.81 16.58
C SER A 97 8.15 25.88 15.45
N LYS A 98 9.18 26.71 15.66
CA LYS A 98 10.09 27.05 14.58
C LYS A 98 10.97 25.87 14.16
N GLU A 99 11.08 24.83 14.99
CA GLU A 99 11.93 23.71 14.62
C GLU A 99 11.23 22.74 13.68
N LEU A 100 9.95 22.92 13.42
CA LEU A 100 9.20 21.98 12.60
C LEU A 100 9.26 22.39 11.14
N GLY A 101 9.13 21.40 10.27
CA GLY A 101 9.24 21.62 8.85
C GLY A 101 7.95 21.44 8.07
N THR A 102 8.09 21.05 6.81
CA THR A 102 6.97 21.19 5.88
C THR A 102 5.85 20.19 6.16
N ARG A 103 6.17 19.01 6.69
CA ARG A 103 5.13 18.05 7.04
C ARG A 103 4.14 18.66 8.01
N HIS A 104 4.65 19.28 9.07
CA HIS A 104 3.78 19.88 10.07
C HIS A 104 3.08 21.12 9.53
N ARG A 105 3.77 21.92 8.70
CA ARG A 105 3.12 23.08 8.11
C ARG A 105 2.00 22.69 7.15
N ALA A 106 2.18 21.58 6.42
CA ALA A 106 1.12 21.07 5.56
C ALA A 106 -0.09 20.61 6.39
N ALA A 107 0.17 19.94 7.51
CA ALA A 107 -0.93 19.48 8.36
C ALA A 107 -1.70 20.66 8.93
N VAL A 108 -0.99 21.66 9.46
CA VAL A 108 -1.67 22.85 9.95
C VAL A 108 -2.41 23.54 8.80
N GLY A 109 -1.78 23.61 7.64
CA GLY A 109 -2.39 24.28 6.50
C GLY A 109 -3.73 23.71 6.11
N ILE A 110 -3.81 22.38 5.95
CA ILE A 110 -5.12 21.81 5.62
C ILE A 110 -6.11 22.01 6.75
N SER A 111 -5.64 22.02 8.01
CA SER A 111 -6.53 22.21 9.16
C SER A 111 -7.07 23.62 9.27
N GLU A 112 -6.47 24.58 8.55
CA GLU A 112 -6.95 25.96 8.55
C GLU A 112 -8.16 26.16 7.63
N VAL A 113 -8.37 25.27 6.66
CA VAL A 113 -9.38 25.45 5.63
C VAL A 113 -10.33 24.27 5.56
N THR A 114 -10.22 23.33 6.49
CA THR A 114 -11.13 22.19 6.58
C THR A 114 -11.32 21.88 8.05
N ASP A 115 -12.34 21.08 8.35
CA ASP A 115 -12.53 20.53 9.69
C ASP A 115 -11.86 19.18 9.87
N SER A 116 -10.86 18.86 9.05
CA SER A 116 -10.25 17.54 9.11
C SER A 116 -9.34 17.42 10.32
N LEU A 117 -8.94 16.20 10.61
CA LEU A 117 -7.95 15.91 11.65
C LEU A 117 -6.76 15.27 10.97
N THR A 118 -5.58 15.84 11.18
CA THR A 118 -4.37 15.32 10.57
C THR A 118 -3.41 14.86 11.68
N ILE A 119 -2.87 13.66 11.51
CA ILE A 119 -1.84 13.12 12.38
C ILE A 119 -0.50 13.26 11.68
N ILE A 120 0.51 13.70 12.43
CA ILE A 120 1.88 13.84 11.92
C ILE A 120 2.83 13.05 12.80
N VAL A 121 3.72 12.29 12.19
CA VAL A 121 4.87 11.72 12.88
C VAL A 121 6.13 12.44 12.41
N SER A 122 6.90 12.96 13.36
CA SER A 122 8.14 13.64 13.02
C SER A 122 9.23 12.64 12.64
N GLU A 123 9.89 12.88 11.51
CA GLU A 123 11.07 12.10 11.15
C GLU A 123 12.28 12.49 11.99
N GLU A 124 12.26 13.66 12.65
CA GLU A 124 13.39 14.04 13.49
C GLU A 124 13.33 13.38 14.86
N THR A 125 12.15 13.28 15.46
CA THR A 125 12.03 12.85 16.84
C THR A 125 11.11 11.66 17.04
N GLY A 126 10.32 11.30 16.04
CA GLY A 126 9.26 10.34 16.25
C GLY A 126 8.10 10.88 17.07
N GLY A 127 8.12 12.17 17.41
CA GLY A 127 6.99 12.75 18.10
C GLY A 127 5.74 12.71 17.25
N VAL A 128 4.60 12.55 17.92
CA VAL A 128 3.30 12.45 17.27
C VAL A 128 2.53 13.72 17.60
N SER A 129 1.93 14.32 16.57
CA SER A 129 1.15 15.53 16.76
C SER A 129 -0.12 15.45 15.92
N VAL A 130 -1.08 16.32 16.25
CA VAL A 130 -2.34 16.38 15.52
C VAL A 130 -2.64 17.84 15.18
N ALA A 131 -3.04 18.09 13.94
CA ALA A 131 -3.47 19.41 13.50
C ALA A 131 -4.98 19.42 13.32
N LYS A 132 -5.62 20.42 13.93
CA LYS A 132 -7.06 20.63 13.82
C LYS A 132 -7.31 22.11 14.06
N ASN A 133 -8.19 22.70 13.25
CA ASN A 133 -8.67 24.06 13.44
C ASN A 133 -7.55 25.11 13.37
N GLY A 134 -6.43 24.80 12.73
CA GLY A 134 -5.30 25.71 12.64
C GLY A 134 -4.28 25.58 13.74
N ASP A 135 -4.49 24.67 14.70
CA ASP A 135 -3.54 24.47 15.78
C ASP A 135 -2.91 23.09 15.70
N LEU A 136 -1.69 23.02 16.20
CA LEU A 136 -0.92 21.80 16.27
C LEU A 136 -0.76 21.40 17.72
N HIS A 137 -1.17 20.17 18.04
CA HIS A 137 -1.08 19.61 19.37
C HIS A 137 0.06 18.61 19.37
N ARG A 138 1.12 18.95 20.08
CA ARG A 138 2.39 18.26 19.95
C ARG A 138 2.63 17.27 21.08
N GLU A 139 3.64 16.44 20.88
CA GLU A 139 4.12 15.48 21.89
C GLU A 139 2.96 14.73 22.52
N LEU A 140 2.21 14.02 21.69
CA LEU A 140 1.05 13.26 22.15
C LEU A 140 1.47 11.87 22.59
N THR A 141 0.86 11.40 23.67
CA THR A 141 0.96 10.00 24.03
C THR A 141 -0.02 9.19 23.19
N GLU A 142 0.09 7.86 23.30
CA GLU A 142 -0.90 7.00 22.66
C GLU A 142 -2.30 7.24 23.23
N GLU A 143 -2.43 7.35 24.55
CA GLU A 143 -3.73 7.64 25.16
C GLU A 143 -4.33 8.93 24.59
N ALA A 144 -3.48 9.96 24.42
CA ALA A 144 -3.97 11.26 23.94
C ALA A 144 -4.44 11.17 22.49
N LEU A 145 -3.67 10.52 21.63
CA LEU A 145 -4.09 10.40 20.23
C LEU A 145 -5.40 9.62 20.13
N LYS A 146 -5.52 8.53 20.88
CA LYS A 146 -6.75 7.73 20.86
C LYS A 146 -7.94 8.58 21.31
N GLU A 147 -7.77 9.36 22.37
CA GLU A 147 -8.85 10.25 22.83
C GLU A 147 -9.27 11.22 21.73
N MET A 148 -8.29 11.73 20.98
CA MET A 148 -8.56 12.67 19.91
C MET A 148 -9.34 11.99 18.79
N LEU A 149 -8.92 10.78 18.41
CA LEU A 149 -9.64 10.06 17.37
C LEU A 149 -11.05 9.70 17.82
N GLU A 150 -11.22 9.28 19.07
CA GLU A 150 -12.57 8.96 19.53
C GLU A 150 -13.44 10.22 19.61
N ALA A 151 -12.84 11.34 20.00
CA ALA A 151 -13.61 12.58 20.08
C ALA A 151 -14.07 13.00 18.69
N GLU A 152 -13.20 12.82 17.71
CA GLU A 152 -13.47 13.24 16.35
C GLU A 152 -14.60 12.39 15.79
N THR B 3 -12.74 -0.07 -25.77
CA THR B 3 -13.82 0.10 -24.81
C THR B 3 -13.20 0.53 -23.47
N PRO B 4 -14.01 1.01 -22.53
CA PRO B 4 -13.46 1.29 -21.19
C PRO B 4 -12.85 0.08 -20.52
N VAL B 5 -13.40 -1.13 -20.75
CA VAL B 5 -12.84 -2.36 -20.16
C VAL B 5 -11.44 -2.61 -20.71
N GLU B 6 -11.26 -2.41 -22.01
CA GLU B 6 -9.96 -2.61 -22.65
C GLU B 6 -8.95 -1.56 -22.23
N GLU B 7 -9.39 -0.30 -22.09
CA GLU B 7 -8.48 0.74 -21.60
C GLU B 7 -8.04 0.46 -20.17
N ALA B 8 -8.97 0.06 -19.30
CA ALA B 8 -8.60 -0.26 -17.93
C ALA B 8 -7.59 -1.40 -17.89
N GLN B 9 -7.81 -2.42 -18.73
CA GLN B 9 -6.87 -3.52 -18.78
C GLN B 9 -5.48 -3.04 -19.17
N GLN B 10 -5.40 -2.12 -20.13
CA GLN B 10 -4.11 -1.63 -20.59
C GLN B 10 -3.40 -0.86 -19.49
N LYS B 11 -4.17 -0.07 -18.72
CA LYS B 11 -3.61 0.67 -17.61
C LYS B 11 -3.07 -0.27 -16.53
N THR B 12 -3.81 -1.36 -16.24
CA THR B 12 -3.36 -2.32 -15.23
C THR B 12 -2.10 -3.03 -15.68
N ILE B 13 -2.05 -3.41 -16.96
CA ILE B 13 -0.85 -4.02 -17.51
C ILE B 13 0.32 -3.05 -17.40
N GLU B 14 0.10 -1.78 -17.73
CA GLU B 14 1.17 -0.78 -17.65
C GLU B 14 1.66 -0.61 -16.22
N ALA B 15 0.74 -0.64 -15.24
CA ALA B 15 1.09 -0.51 -13.83
C ALA B 15 1.88 -1.72 -13.35
N ILE B 16 1.45 -2.91 -13.75
CA ILE B 16 2.13 -4.14 -13.35
C ILE B 16 3.54 -4.17 -13.93
N THR B 17 3.67 -3.90 -15.24
CA THR B 17 4.98 -3.99 -15.87
C THR B 17 5.95 -2.96 -15.29
N LYS B 18 5.48 -1.74 -15.04
CA LYS B 18 6.36 -0.74 -14.45
C LYS B 18 6.84 -1.18 -13.07
N ALA B 19 5.94 -1.75 -12.27
CA ALA B 19 6.33 -2.19 -10.93
C ALA B 19 7.33 -3.35 -11.00
N ILE B 20 7.04 -4.35 -11.83
CA ILE B 20 7.95 -5.49 -11.96
C ILE B 20 9.31 -5.04 -12.47
N ASN B 21 9.34 -4.13 -13.45
CA ASN B 21 10.61 -3.66 -13.99
C ASN B 21 11.42 -2.97 -12.90
N TYR B 22 10.77 -2.14 -12.09
CA TYR B 22 11.43 -1.46 -10.98
C TYR B 22 12.00 -2.46 -9.97
N MET B 23 11.19 -3.44 -9.56
CA MET B 23 11.65 -4.39 -8.55
C MET B 23 12.75 -5.30 -9.10
N ALA B 24 12.66 -5.70 -10.37
CA ALA B 24 13.72 -6.53 -10.95
C ALA B 24 15.07 -5.81 -10.91
N LYS B 25 15.08 -4.52 -11.25
CA LYS B 25 16.33 -3.77 -11.27
C LYS B 25 16.94 -3.67 -9.87
N ARG B 26 16.11 -3.64 -8.84
CA ARG B 26 16.56 -3.48 -7.47
C ARG B 26 16.63 -4.80 -6.71
N ARG B 27 16.38 -5.92 -7.39
CA ARG B 27 16.43 -7.24 -6.75
C ARG B 27 15.47 -7.30 -5.56
N ILE B 28 14.31 -6.69 -5.73
CA ILE B 28 13.24 -6.73 -4.75
C ILE B 28 12.38 -7.95 -5.06
N GLY B 29 12.40 -8.94 -4.16
CA GLY B 29 11.58 -10.13 -4.36
C GLY B 29 10.11 -9.78 -4.42
N ALA B 30 9.39 -10.44 -5.34
CA ALA B 30 7.97 -10.17 -5.47
C ALA B 30 7.24 -11.40 -5.98
N LEU B 31 5.97 -11.51 -5.59
CA LEU B 31 5.11 -12.64 -5.93
C LEU B 31 3.72 -12.08 -6.16
N LEU B 32 3.29 -12.08 -7.41
CA LEU B 32 2.07 -11.37 -7.83
C LEU B 32 1.22 -12.30 -8.68
N THR B 33 0.07 -12.71 -8.15
CA THR B 33 -0.82 -13.62 -8.83
C THR B 33 -2.02 -12.86 -9.36
N ILE B 34 -2.32 -13.04 -10.64
CA ILE B 34 -3.46 -12.41 -11.29
C ILE B 34 -4.54 -13.47 -11.44
N GLU B 35 -5.63 -13.30 -10.70
CA GLU B 35 -6.77 -14.21 -10.79
C GLU B 35 -7.36 -14.16 -12.20
N ARG B 36 -7.76 -15.33 -12.70
CA ARG B 36 -8.41 -15.41 -14.01
C ARG B 36 -9.81 -15.98 -13.79
N ASP B 37 -10.16 -17.07 -14.45
CA ASP B 37 -11.52 -17.59 -14.33
C ASP B 37 -11.73 -18.51 -13.13
N THR B 38 -10.67 -19.12 -12.62
CA THR B 38 -10.77 -19.90 -11.39
C THR B 38 -10.67 -18.96 -10.19
N GLY B 39 -11.75 -18.90 -9.41
CA GLY B 39 -11.75 -17.99 -8.28
C GLY B 39 -10.73 -18.38 -7.23
N MET B 40 -10.09 -17.36 -6.65
CA MET B 40 -9.03 -17.55 -5.69
C MET B 40 -9.39 -17.03 -4.31
N GLY B 41 -10.68 -16.98 -4.02
CA GLY B 41 -11.13 -16.42 -2.76
C GLY B 41 -10.49 -17.05 -1.55
N ASP B 42 -10.32 -18.38 -1.57
CA ASP B 42 -9.76 -19.09 -0.41
C ASP B 42 -8.37 -18.57 -0.08
N TYR B 43 -7.59 -18.21 -1.11
CA TYR B 43 -6.24 -17.72 -0.91
C TYR B 43 -6.25 -16.23 -0.59
N ILE B 44 -7.12 -15.47 -1.24
CA ILE B 44 -7.24 -14.06 -0.94
C ILE B 44 -7.54 -13.85 0.54
N GLU B 45 -8.41 -14.68 1.11
CA GLU B 45 -8.85 -14.53 2.49
C GLU B 45 -7.75 -14.84 3.50
N THR B 46 -6.63 -15.44 3.07
CA THR B 46 -5.52 -15.67 3.98
C THR B 46 -4.65 -14.44 4.19
N GLY B 47 -4.77 -13.43 3.34
CA GLY B 47 -3.90 -12.26 3.41
C GLY B 47 -4.55 -11.09 4.12
N ILE B 48 -3.90 -9.93 3.97
CA ILE B 48 -4.42 -8.67 4.49
C ILE B 48 -5.30 -8.05 3.40
N PRO B 49 -6.59 -7.79 3.66
CA PRO B 49 -7.43 -7.23 2.60
C PRO B 49 -7.01 -5.82 2.26
N LEU B 50 -6.88 -5.53 0.96
CA LEU B 50 -6.65 -4.18 0.48
C LEU B 50 -7.82 -3.68 -0.37
N ASN B 51 -8.28 -4.49 -1.33
CA ASN B 51 -9.31 -4.08 -2.28
C ASN B 51 -9.00 -2.70 -2.88
N ALA B 52 -7.75 -2.54 -3.31
CA ALA B 52 -7.24 -1.23 -3.68
C ALA B 52 -7.13 -1.10 -5.19
N LYS B 53 -7.29 0.14 -5.68
CA LYS B 53 -7.00 0.40 -7.08
C LYS B 53 -5.54 0.10 -7.38
N VAL B 54 -5.29 -0.47 -8.56
CA VAL B 54 -3.93 -0.81 -8.93
C VAL B 54 -3.15 0.47 -9.20
N SER B 55 -1.89 0.49 -8.77
CA SER B 55 -0.92 1.46 -9.24
C SER B 55 0.45 0.80 -9.15
N SER B 56 1.37 1.25 -10.01
CA SER B 56 2.73 0.74 -9.91
C SER B 56 3.32 1.11 -8.56
N GLU B 57 2.98 2.29 -8.06
CA GLU B 57 3.52 2.77 -6.79
C GLU B 57 3.09 1.88 -5.64
N LEU B 58 1.81 1.51 -5.59
CA LEU B 58 1.36 0.65 -4.50
C LEU B 58 1.99 -0.74 -4.60
N LEU B 59 2.07 -1.31 -5.81
CA LEU B 59 2.70 -2.61 -5.96
C LEU B 59 4.14 -2.57 -5.44
N ILE B 60 4.90 -1.55 -5.82
CA ILE B 60 6.27 -1.44 -5.35
C ILE B 60 6.32 -1.35 -3.83
N ASN B 61 5.51 -0.44 -3.26
CA ASN B 61 5.53 -0.23 -1.81
C ASN B 61 5.22 -1.53 -1.06
N ILE B 62 4.31 -2.35 -1.59
CA ILE B 62 3.93 -3.59 -0.91
C ILE B 62 5.14 -4.49 -0.68
N PHE B 63 6.03 -4.57 -1.67
CA PHE B 63 7.07 -5.58 -1.66
C PHE B 63 8.40 -5.09 -1.09
N ILE B 64 8.46 -3.86 -0.57
CA ILE B 64 9.72 -3.40 -0.01
C ILE B 64 10.16 -4.35 1.10
N PRO B 65 11.41 -4.81 1.11
CA PRO B 65 11.81 -5.79 2.13
C PRO B 65 11.59 -5.28 3.54
N ASN B 66 11.35 -6.24 4.44
CA ASN B 66 11.24 -6.01 5.88
C ASN B 66 10.07 -5.08 6.25
N THR B 67 8.99 -5.15 5.49
CA THR B 67 7.77 -4.41 5.78
C THR B 67 6.63 -5.37 6.08
N PRO B 68 5.53 -4.86 6.67
CA PRO B 68 4.43 -5.77 7.02
C PRO B 68 3.88 -6.56 5.84
N LEU B 69 3.80 -5.98 4.65
CA LEU B 69 3.07 -6.61 3.56
C LEU B 69 3.95 -7.42 2.61
N HIS B 70 5.25 -7.45 2.79
CA HIS B 70 6.09 -7.95 1.71
C HIS B 70 6.16 -9.47 1.62
N ASP B 71 5.85 -10.20 2.68
CA ASP B 71 6.03 -11.65 2.67
C ASP B 71 4.70 -12.33 2.34
N GLY B 72 4.71 -13.11 1.27
CA GLY B 72 3.52 -13.72 0.74
C GLY B 72 3.15 -13.09 -0.59
N ALA B 73 2.02 -13.53 -1.12
CA ALA B 73 1.60 -13.16 -2.46
C ALA B 73 0.65 -11.97 -2.43
N VAL B 74 0.78 -11.10 -3.42
CA VAL B 74 -0.27 -10.17 -3.78
C VAL B 74 -1.17 -10.91 -4.76
N ILE B 75 -2.49 -10.83 -4.54
CA ILE B 75 -3.46 -11.41 -5.46
C ILE B 75 -4.29 -10.27 -6.02
N MET B 76 -4.31 -10.18 -7.35
CA MET B 76 -5.08 -9.19 -8.08
C MET B 76 -6.34 -9.82 -8.66
N LYS B 77 -7.42 -9.06 -8.59
CA LYS B 77 -8.69 -9.39 -9.19
C LYS B 77 -8.98 -8.25 -10.14
N ASN B 78 -8.84 -8.52 -11.45
CA ASN B 78 -9.16 -7.56 -12.50
C ASN B 78 -8.29 -6.34 -12.25
N ASN B 79 -8.86 -5.17 -12.01
CA ASN B 79 -8.10 -3.94 -11.87
C ASN B 79 -7.91 -3.55 -10.41
N GLU B 80 -7.95 -4.51 -9.49
CA GLU B 80 -7.74 -4.24 -8.08
C GLU B 80 -6.69 -5.15 -7.50
N ILE B 81 -6.00 -4.64 -6.48
CA ILE B 81 -5.18 -5.46 -5.60
C ILE B 81 -6.11 -5.94 -4.50
N ALA B 82 -6.47 -7.22 -4.54
CA ALA B 82 -7.46 -7.72 -3.58
C ALA B 82 -6.84 -7.85 -2.18
N ALA B 83 -5.66 -8.45 -2.09
CA ALA B 83 -5.03 -8.69 -0.80
C ALA B 83 -3.54 -8.88 -1.00
N ALA B 84 -2.80 -8.69 0.09
CA ALA B 84 -1.35 -8.86 0.10
C ALA B 84 -0.98 -9.82 1.22
N ALA B 85 0.25 -10.32 1.17
CA ALA B 85 0.75 -11.26 2.16
C ALA B 85 -0.12 -12.52 2.21
N CYS B 86 -0.54 -13.00 1.05
CA CYS B 86 -1.40 -14.17 0.97
C CYS B 86 -0.59 -15.46 0.93
N TYR B 87 -1.19 -16.51 1.47
CA TYR B 87 -0.67 -17.86 1.34
C TYR B 87 -1.05 -18.44 -0.02
N LEU B 88 -0.10 -19.13 -0.63
CA LEU B 88 -0.30 -19.97 -1.80
C LEU B 88 0.34 -21.32 -1.51
N PRO B 89 -0.20 -22.38 -2.09
CA PRO B 89 0.34 -23.73 -1.85
C PRO B 89 1.65 -23.92 -2.59
N LEU B 90 2.54 -24.71 -1.99
CA LEU B 90 3.87 -24.93 -2.55
C LEU B 90 3.83 -26.12 -3.49
N SER B 91 4.34 -25.92 -4.71
CA SER B 91 4.43 -27.01 -5.66
C SER B 91 5.56 -27.95 -5.28
N GLU B 92 5.35 -29.24 -5.58
CA GLU B 92 6.38 -30.26 -5.47
C GLU B 92 6.93 -30.67 -6.83
N SER B 93 6.67 -29.88 -7.86
CA SER B 93 7.09 -30.24 -9.21
C SER B 93 8.61 -30.37 -9.27
N PRO B 94 9.14 -31.42 -9.89
CA PRO B 94 10.59 -31.52 -10.08
C PRO B 94 11.16 -30.61 -11.15
N PHE B 95 10.32 -29.85 -11.88
CA PHE B 95 10.77 -28.95 -12.93
C PHE B 95 10.98 -27.53 -12.43
N ILE B 96 11.08 -27.35 -11.12
CA ILE B 96 11.43 -26.07 -10.52
C ILE B 96 12.93 -26.11 -10.23
N SER B 97 13.68 -25.20 -10.84
CA SER B 97 15.12 -25.18 -10.65
C SER B 97 15.45 -25.27 -9.16
N LYS B 98 16.43 -26.12 -8.82
CA LYS B 98 16.67 -26.45 -7.42
C LYS B 98 17.10 -25.24 -6.61
N GLU B 99 17.75 -24.26 -7.24
CA GLU B 99 18.23 -23.11 -6.48
C GLU B 99 17.12 -22.14 -6.09
N LEU B 100 15.92 -22.30 -6.66
CA LEU B 100 14.84 -21.35 -6.41
C LEU B 100 14.17 -21.61 -5.06
N GLY B 101 13.69 -20.53 -4.46
CA GLY B 101 13.11 -20.57 -3.14
C GLY B 101 11.60 -20.60 -3.14
N THR B 102 11.03 -20.18 -2.01
CA THR B 102 9.61 -20.45 -1.77
C THR B 102 8.70 -19.61 -2.65
N ARG B 103 9.11 -18.39 -3.04
CA ARG B 103 8.24 -17.59 -3.92
C ARG B 103 7.93 -18.35 -5.21
N HIS B 104 8.96 -18.93 -5.83
CA HIS B 104 8.75 -19.63 -7.09
C HIS B 104 7.93 -20.89 -6.89
N ARG B 105 8.15 -21.59 -5.76
CA ARG B 105 7.41 -22.82 -5.52
C ARG B 105 5.94 -22.52 -5.22
N ALA B 106 5.68 -21.41 -4.53
CA ALA B 106 4.31 -20.97 -4.30
C ALA B 106 3.63 -20.60 -5.60
N ALA B 107 4.34 -19.90 -6.49
CA ALA B 107 3.77 -19.49 -7.76
C ALA B 107 3.40 -20.70 -8.61
N VAL B 108 4.32 -21.66 -8.74
CA VAL B 108 3.96 -22.86 -9.49
C VAL B 108 2.82 -23.58 -8.79
N GLY B 109 2.81 -23.59 -7.46
CA GLY B 109 1.77 -24.28 -6.71
C GLY B 109 0.37 -23.76 -7.02
N ILE B 110 0.18 -22.44 -6.99
CA ILE B 110 -1.14 -21.91 -7.29
C ILE B 110 -1.47 -22.15 -8.77
N SER B 111 -0.45 -22.14 -9.64
CA SER B 111 -0.69 -22.37 -11.07
C SER B 111 -1.14 -23.79 -11.37
N GLU B 112 -0.94 -24.73 -10.43
CA GLU B 112 -1.37 -26.11 -10.64
C GLU B 112 -2.84 -26.32 -10.32
N VAL B 113 -3.49 -25.38 -9.64
CA VAL B 113 -4.85 -25.58 -9.16
C VAL B 113 -5.75 -24.43 -9.59
N THR B 114 -5.21 -23.53 -10.42
CA THR B 114 -5.99 -22.43 -10.96
C THR B 114 -5.46 -22.14 -12.36
N ASP B 115 -6.21 -21.32 -13.10
CA ASP B 115 -5.76 -20.79 -14.39
C ASP B 115 -5.12 -19.41 -14.25
N SER B 116 -4.67 -19.06 -13.05
CA SER B 116 -4.10 -17.75 -12.81
C SER B 116 -2.73 -17.64 -13.47
N LEU B 117 -2.27 -16.40 -13.59
CA LEU B 117 -0.92 -16.10 -14.05
C LEU B 117 -0.20 -15.44 -12.90
N THR B 118 0.94 -15.99 -12.51
CA THR B 118 1.73 -15.46 -11.41
C THR B 118 3.08 -14.98 -11.92
N ILE B 119 3.48 -13.79 -11.50
CA ILE B 119 4.78 -13.21 -11.83
C ILE B 119 5.64 -13.28 -10.57
N ILE B 120 6.91 -13.65 -10.73
CA ILE B 120 7.86 -13.72 -9.64
C ILE B 120 9.09 -12.91 -10.00
N VAL B 121 9.56 -12.08 -9.08
CA VAL B 121 10.86 -11.43 -9.19
C VAL B 121 11.78 -12.09 -8.16
N SER B 122 12.94 -12.57 -8.62
CA SER B 122 13.89 -13.20 -7.71
C SER B 122 14.66 -12.13 -6.93
N GLU B 123 14.69 -12.27 -5.61
CA GLU B 123 15.53 -11.39 -4.80
C GLU B 123 17.01 -11.71 -4.95
N GLU B 124 17.35 -12.85 -5.53
CA GLU B 124 18.74 -13.24 -5.69
C GLU B 124 19.33 -12.65 -6.96
N THR B 125 18.61 -12.73 -8.06
CA THR B 125 19.14 -12.34 -9.36
C THR B 125 18.41 -11.19 -10.02
N GLY B 126 17.21 -10.83 -9.55
CA GLY B 126 16.37 -9.89 -10.26
C GLY B 126 15.66 -10.46 -11.47
N GLY B 127 15.87 -11.75 -11.75
CA GLY B 127 15.18 -12.36 -12.86
C GLY B 127 13.68 -12.42 -12.64
N VAL B 128 12.96 -12.30 -13.75
CA VAL B 128 11.51 -12.29 -13.77
C VAL B 128 11.03 -13.59 -14.40
N SER B 129 10.06 -14.23 -13.74
CA SER B 129 9.49 -15.47 -14.24
C SER B 129 7.98 -15.42 -14.10
N VAL B 130 7.33 -16.33 -14.82
CA VAL B 130 5.88 -16.47 -14.79
C VAL B 130 5.52 -17.94 -14.62
N ALA B 131 4.55 -18.20 -13.76
CA ALA B 131 4.01 -19.54 -13.57
C ALA B 131 2.58 -19.55 -14.10
N LYS B 132 2.28 -20.54 -14.92
CA LYS B 132 0.97 -20.69 -15.53
C LYS B 132 0.81 -22.18 -15.84
N ASN B 133 -0.30 -22.75 -15.37
CA ASN B 133 -0.65 -24.13 -15.69
C ASN B 133 0.43 -25.13 -15.32
N GLY B 134 1.10 -24.87 -14.19
CA GLY B 134 2.06 -25.82 -13.67
C GLY B 134 3.46 -25.66 -14.21
N ASP B 135 3.68 -24.74 -15.15
CA ASP B 135 4.99 -24.53 -15.75
C ASP B 135 5.55 -23.18 -15.32
N LEU B 136 6.86 -23.16 -15.07
CA LEU B 136 7.58 -21.93 -14.75
C LEU B 136 8.44 -21.54 -15.95
N HIS B 137 8.27 -20.30 -16.40
CA HIS B 137 9.03 -19.73 -17.49
C HIS B 137 9.92 -18.63 -16.94
N ARG B 138 11.23 -18.80 -17.07
CA ARG B 138 12.19 -17.97 -16.37
C ARG B 138 12.86 -16.94 -17.29
N GLU B 139 13.53 -15.97 -16.65
CA GLU B 139 14.43 -15.03 -17.31
C GLU B 139 13.75 -14.25 -18.42
N LEU B 140 12.55 -13.77 -18.15
CA LEU B 140 11.78 -13.06 -19.14
C LEU B 140 12.29 -11.64 -19.35
N THR B 141 12.37 -11.24 -20.62
CA THR B 141 12.59 -9.85 -20.94
C THR B 141 11.35 -9.04 -20.60
N GLU B 142 11.54 -7.72 -20.55
CA GLU B 142 10.40 -6.83 -20.30
C GLU B 142 9.35 -7.01 -21.39
N GLU B 143 9.81 -7.14 -22.63
CA GLU B 143 8.91 -7.30 -23.75
C GLU B 143 8.12 -8.59 -23.64
N ALA B 144 8.78 -9.70 -23.29
CA ALA B 144 8.08 -10.97 -23.18
C ALA B 144 7.03 -10.93 -22.08
N LEU B 145 7.34 -10.32 -20.94
CA LEU B 145 6.36 -10.25 -19.88
C LEU B 145 5.13 -9.49 -20.34
N LYS B 146 5.34 -8.32 -20.97
CA LYS B 146 4.22 -7.49 -21.40
C LYS B 146 3.37 -8.23 -22.43
N GLU B 147 4.01 -8.93 -23.36
CA GLU B 147 3.27 -9.73 -24.32
C GLU B 147 2.46 -10.82 -23.61
N MET B 148 3.05 -11.47 -22.61
CA MET B 148 2.32 -12.52 -21.90
C MET B 148 1.09 -11.94 -21.21
N LEU B 149 1.25 -10.79 -20.56
CA LEU B 149 0.11 -10.15 -19.90
C LEU B 149 -0.95 -9.74 -20.93
N GLU B 150 -0.52 -9.11 -22.01
CA GLU B 150 -1.48 -8.72 -23.05
C GLU B 150 -2.26 -9.91 -23.57
N ALA B 151 -1.57 -11.05 -23.77
CA ALA B 151 -2.25 -12.24 -24.28
C ALA B 151 -3.20 -12.83 -23.26
N GLU B 152 -2.85 -12.74 -21.98
CA GLU B 152 -3.69 -13.23 -20.90
C GLU B 152 -4.97 -12.41 -20.83
N1 XY4 C . 6.25 5.77 21.14
C4 XY4 C . 4.98 5.92 20.84
C5 XY4 C . 3.28 7.67 20.33
C6 XY4 C . 2.38 6.70 19.96
C7 XY4 C . 1.08 7.05 19.61
C8 XY4 C . 0.68 8.36 19.67
C10 XY4 C . 2.87 9.00 20.40
C1 XY4 C . 8.50 5.93 20.98
C2 XY4 C . 7.16 6.87 21.01
C3 XY4 C . 7.43 7.95 20.16
C9 XY4 C . 1.56 9.33 20.06
N2 XY4 C . 4.57 7.25 20.69
O1 XY4 C . 4.24 4.97 20.76
H1 XY4 C . 6.54 5.00 21.41
H2 XY4 C . 2.64 5.80 19.94
H3 XY4 C . 0.47 6.39 19.34
H4 XY4 C . -0.20 8.60 19.43
H5 XY4 C . 3.47 9.67 20.67
H6 XY4 C . 9.23 6.38 21.44
H7 XY4 C . 8.75 5.75 20.06
H8 XY4 C . 8.30 5.08 21.43
H9 XY4 C . 6.73 7.51 21.63
H10 XY4 C . 6.87 8.71 20.43
H11 XY4 C . 7.22 7.70 19.24
H12 XY4 C . 8.36 8.19 20.23
H13 XY4 C . 1.29 10.23 20.11
H14 XY4 C . 5.18 7.87 20.83
MG MG D . 15.00 -18.85 -21.38
#